data_3CUY
#
_entry.id   3CUY
#
_cell.length_a   121.726
_cell.length_b   121.726
_cell.length_c   172.557
_cell.angle_alpha   90.000
_cell.angle_beta   90.000
_cell.angle_gamma   120.000
#
_symmetry.space_group_name_H-M   'P 65 2 2'
#
loop_
_entity.id
_entity.type
_entity.pdbx_description
1 polymer 'Glucuronosyltransferase GumK'
2 water water
#
_entity_poly.entity_id   1
_entity_poly.type   'polypeptide(L)'
_entity_poly.pdbx_seq_one_letter_code
;MGVSPAAPASGIRRPCYLVLSSHDFRTPRRANIHFITDQLALRGTTRFFSLRYSRLSRMKGDMRLPLDDTANTVVSHNGV
DCYLWRTTVHPFNTRRSWLRPVEDAMFRWYAAHPPKQLLDWMRESDVIVFESGIAVAFIELAKRVNPAAKLVYRASAGLS
TINVASYIEREFDRVAPTLDVIALVSPAMAAEVVSRDNVFHVGHGVDHNLDQLGDPSPYAEGIHAVAVGSMLFDPEFFVV
ASKAFPQVTFHVIGSGMGRHPGYGDNVIVYGEMKHAQTIGYIKHARFGIAPYASEQVPVYLADSSMKLLQYDFFGLPAVC
PNAVVGPYKSRFGYTPGNADSVIAAITQALEAPRVRYRQCLNWSDTTDRVLDPRAYPETRLYPHPPTAAPQLSSEAALSH
HHHHHH
;
_entity_poly.pdbx_strand_id   A
#
# COMPACT_ATOMS: atom_id res chain seq x y z
N ARG A 14 5.24 26.67 7.47
CA ARG A 14 4.36 25.49 7.08
C ARG A 14 4.67 25.05 5.70
N PRO A 15 5.29 23.88 5.61
CA PRO A 15 5.73 23.28 4.37
C PRO A 15 4.57 22.84 3.51
N CYS A 16 4.74 23.02 2.21
CA CYS A 16 3.70 22.67 1.26
C CYS A 16 4.10 21.38 0.51
N TYR A 17 3.18 20.44 0.43
CA TYR A 17 3.49 19.09 -0.05
C TYR A 17 2.75 18.82 -1.30
N LEU A 18 3.39 18.08 -2.18
CA LEU A 18 2.71 17.59 -3.32
C LEU A 18 2.95 16.11 -3.40
N VAL A 19 1.87 15.36 -3.50
CA VAL A 19 1.96 13.91 -3.72
C VAL A 19 1.60 13.57 -5.14
N LEU A 20 2.46 12.81 -5.81
CA LEU A 20 2.21 12.29 -7.15
C LEU A 20 1.97 10.82 -7.06
N SER A 21 0.85 10.39 -7.61
CA SER A 21 0.51 8.99 -7.48
C SER A 21 -0.51 8.58 -8.52
N SER A 22 -0.65 7.28 -8.69
CA SER A 22 -1.71 6.72 -9.47
C SER A 22 -3.03 6.59 -8.72
N HIS A 23 -2.96 6.55 -7.39
CA HIS A 23 -4.16 6.75 -6.61
C HIS A 23 -4.73 8.15 -6.84
N ASP A 24 -6.02 8.30 -6.56
CA ASP A 24 -6.54 9.62 -6.30
C ASP A 24 -6.84 9.67 -4.81
N PHE A 25 -6.57 10.80 -4.18
CA PHE A 25 -6.84 10.98 -2.78
C PHE A 25 -8.30 10.74 -2.41
N ARG A 26 -9.21 10.96 -3.35
CA ARG A 26 -10.65 10.82 -3.07
C ARG A 26 -11.17 9.39 -3.09
N THR A 27 -10.40 8.45 -3.64
CA THR A 27 -10.88 7.09 -3.76
C THR A 27 -11.09 6.54 -2.34
N PRO A 28 -12.30 6.00 -2.07
CA PRO A 28 -12.63 5.40 -0.76
C PRO A 28 -11.75 4.18 -0.57
N ARG A 29 -11.47 3.82 0.67
CA ARG A 29 -10.47 2.76 0.94
C ARG A 29 -9.06 3.30 0.66
N ARG A 30 -8.56 4.01 1.65
CA ARG A 30 -7.28 4.59 1.56
C ARG A 30 -6.21 3.49 1.41
N ALA A 31 -5.19 3.74 0.60
CA ALA A 31 -3.96 2.94 0.62
C ALA A 31 -2.94 3.68 1.49
N ASN A 32 -1.71 3.17 1.58
CA ASN A 32 -0.67 3.78 2.42
C ASN A 32 -0.45 5.24 2.16
N ILE A 33 -0.45 5.62 0.89
CA ILE A 33 -0.12 6.96 0.48
C ILE A 33 -1.16 7.93 1.01
N HIS A 34 -2.43 7.50 1.09
CA HIS A 34 -3.54 8.32 1.67
C HIS A 34 -3.37 8.66 3.14
N PHE A 35 -2.99 7.65 3.91
CA PHE A 35 -2.65 7.84 5.31
C PHE A 35 -1.48 8.77 5.50
N ILE A 36 -0.44 8.66 4.67
CA ILE A 36 0.66 9.59 4.75
C ILE A 36 0.13 11.01 4.42
N THR A 37 -0.70 11.08 3.39
CA THR A 37 -1.21 12.36 2.88
C THR A 37 -2.11 13.01 3.93
N ASP A 38 -2.85 12.21 4.70
CA ASP A 38 -3.58 12.71 5.87
C ASP A 38 -2.70 13.43 6.84
N GLN A 39 -1.53 12.84 7.09
CA GLN A 39 -0.52 13.48 7.94
C GLN A 39 0.08 14.71 7.31
N LEU A 40 0.29 14.68 6.02
CA LEU A 40 0.82 15.88 5.35
C LEU A 40 -0.12 17.03 5.50
N ALA A 41 -1.43 16.77 5.33
CA ALA A 41 -2.49 17.78 5.39
C ALA A 41 -2.55 18.43 6.74
N LEU A 42 -2.06 17.73 7.77
CA LEU A 42 -2.05 18.25 9.13
C LEU A 42 -0.88 19.22 9.30
N ARG A 43 0.12 19.10 8.43
CA ARG A 43 1.35 19.86 8.52
C ARG A 43 1.44 21.02 7.58
N GLY A 44 0.63 21.05 6.52
CA GLY A 44 0.81 22.09 5.55
C GLY A 44 -0.12 21.91 4.40
N THR A 45 -0.16 22.91 3.54
CA THR A 45 -0.88 22.81 2.28
C THR A 45 -0.45 21.54 1.55
N THR A 46 -1.43 20.68 1.30
CA THR A 46 -1.14 19.35 0.72
C THR A 46 -1.90 19.15 -0.58
N ARG A 47 -1.16 18.84 -1.62
CA ARG A 47 -1.75 18.61 -2.92
C ARG A 47 -1.55 17.18 -3.31
N PHE A 48 -2.51 16.66 -4.05
CA PHE A 48 -2.38 15.34 -4.45
C PHE A 48 -2.89 15.03 -5.82
N PHE A 49 -2.01 14.57 -6.70
CA PHE A 49 -1.98 14.97 -8.09
C PHE A 49 -2.03 13.51 -8.65
N SER A 50 -3.17 13.12 -9.19
CA SER A 50 -3.41 11.76 -9.61
C SER A 50 -3.08 11.52 -11.09
N LEU A 51 -2.23 10.50 -11.31
CA LEU A 51 -1.58 10.21 -12.58
C LEU A 51 -2.09 8.97 -13.26
N ARG A 52 -1.73 8.82 -14.55
CA ARG A 52 -2.02 7.61 -15.32
C ARG A 52 -3.51 7.63 -15.72
N GLY A 61 -11.16 -0.48 -17.06
CA GLY A 61 -12.02 0.06 -16.00
C GLY A 61 -11.18 0.58 -14.85
N ASP A 62 -11.27 1.88 -14.55
CA ASP A 62 -10.44 2.47 -13.48
C ASP A 62 -11.26 2.75 -12.21
N MET A 63 -10.71 2.47 -11.03
CA MET A 63 -11.36 2.86 -9.73
C MET A 63 -11.72 4.36 -9.65
N ARG A 64 -11.03 5.19 -10.42
CA ARG A 64 -11.22 6.64 -10.35
C ARG A 64 -12.33 7.14 -11.25
N LEU A 65 -12.97 6.25 -12.03
CA LEU A 65 -14.06 6.66 -12.96
C LEU A 65 -15.18 7.51 -12.32
N PRO A 66 -15.62 7.16 -11.08
CA PRO A 66 -16.60 8.03 -10.39
C PRO A 66 -16.17 9.48 -10.26
N LEU A 67 -14.88 9.75 -10.50
CA LEU A 67 -14.34 11.11 -10.36
C LEU A 67 -14.18 11.81 -11.69
N ASP A 68 -14.54 11.13 -12.78
CA ASP A 68 -14.29 11.64 -14.14
C ASP A 68 -14.79 13.05 -14.41
N ASP A 69 -15.99 13.37 -13.91
CA ASP A 69 -16.57 14.72 -14.08
C ASP A 69 -15.84 15.82 -13.34
N THR A 70 -14.84 15.43 -12.53
CA THR A 70 -14.01 16.38 -11.83
C THR A 70 -12.66 16.48 -12.47
N ALA A 71 -12.38 15.60 -13.42
CA ALA A 71 -11.08 15.55 -14.11
C ALA A 71 -10.57 16.94 -14.47
N ASN A 72 -9.24 17.13 -14.39
CA ASN A 72 -8.56 18.34 -14.81
C ASN A 72 -8.97 19.60 -14.08
N THR A 73 -9.47 19.43 -12.87
CA THR A 73 -9.79 20.54 -12.01
C THR A 73 -9.41 20.17 -10.59
N VAL A 74 -9.14 21.18 -9.78
CA VAL A 74 -8.80 21.03 -8.37
C VAL A 74 -10.05 20.89 -7.51
N VAL A 75 -10.06 19.84 -6.72
CA VAL A 75 -11.18 19.59 -5.82
C VAL A 75 -10.57 19.44 -4.42
N SER A 76 -11.22 20.03 -3.45
CA SER A 76 -10.72 19.98 -2.09
C SER A 76 -11.35 18.78 -1.37
N HIS A 77 -10.52 17.95 -0.74
CA HIS A 77 -11.05 16.75 -0.06
C HIS A 77 -10.28 16.44 1.23
N ASN A 78 -10.98 16.60 2.35
CA ASN A 78 -10.38 16.42 3.64
C ASN A 78 -9.10 17.21 3.78
N GLY A 79 -9.16 18.48 3.42
CA GLY A 79 -8.03 19.37 3.58
C GLY A 79 -6.94 19.22 2.54
N VAL A 80 -7.16 18.41 1.52
CA VAL A 80 -6.15 18.16 0.49
C VAL A 80 -6.67 18.65 -0.85
N ASP A 81 -5.82 19.29 -1.62
CA ASP A 81 -6.16 19.72 -2.93
C ASP A 81 -5.86 18.59 -3.85
N CYS A 82 -6.93 18.10 -4.49
CA CYS A 82 -6.86 16.93 -5.35
C CYS A 82 -7.05 17.33 -6.81
N TYR A 83 -6.31 16.64 -7.68
CA TYR A 83 -6.45 16.84 -9.10
C TYR A 83 -6.32 15.50 -9.79
N LEU A 84 -7.35 15.14 -10.54
CA LEU A 84 -7.29 13.95 -11.36
C LEU A 84 -6.98 14.43 -12.76
N TRP A 85 -5.74 14.24 -13.15
CA TRP A 85 -5.32 14.57 -14.48
C TRP A 85 -5.90 13.52 -15.42
N ARG A 86 -6.57 13.97 -16.46
CA ARG A 86 -7.07 13.09 -17.48
C ARG A 86 -6.57 13.51 -18.85
N THR A 87 -5.76 12.63 -19.44
CA THR A 87 -5.29 12.80 -20.80
C THR A 87 -6.15 11.89 -21.65
N THR A 88 -5.94 11.91 -22.96
CA THR A 88 -6.69 11.03 -23.85
C THR A 88 -6.18 9.62 -23.68
N VAL A 89 -4.86 9.44 -23.82
CA VAL A 89 -4.22 8.14 -23.55
C VAL A 89 -3.14 8.36 -22.51
N HIS A 90 -2.80 7.31 -21.77
CA HIS A 90 -1.62 7.34 -20.88
C HIS A 90 -0.60 6.29 -21.37
N PRO A 91 0.67 6.49 -21.04
CA PRO A 91 1.69 5.48 -21.31
C PRO A 91 1.53 4.28 -20.35
N PHE A 92 1.82 3.08 -20.83
CA PHE A 92 1.64 1.86 -20.03
C PHE A 92 2.56 0.78 -20.59
N ASN A 93 2.76 -0.28 -19.80
CA ASN A 93 3.54 -1.41 -20.27
C ASN A 93 2.70 -2.26 -21.22
N THR A 94 3.08 -2.26 -22.50
CA THR A 94 2.45 -3.10 -23.54
C THR A 94 2.73 -4.59 -23.30
N ARG A 95 3.91 -4.88 -22.73
CA ARG A 95 4.40 -6.22 -22.36
C ARG A 95 4.85 -6.96 -23.63
N ARG A 96 5.29 -6.16 -24.59
CA ARG A 96 5.69 -6.62 -25.90
C ARG A 96 6.98 -5.91 -26.25
N SER A 97 8.07 -6.67 -26.14
CA SER A 97 9.44 -6.18 -26.36
C SER A 97 9.60 -5.33 -27.63
N TRP A 98 8.87 -5.70 -28.67
CA TRP A 98 8.98 -5.02 -29.96
C TRP A 98 8.21 -3.70 -29.98
N LEU A 99 7.23 -3.57 -29.09
CA LEU A 99 6.51 -2.31 -28.90
C LEU A 99 7.26 -1.31 -27.99
N ARG A 100 8.43 -1.69 -27.49
CA ARG A 100 9.18 -0.88 -26.51
C ARG A 100 9.60 0.53 -26.96
N PRO A 101 9.88 0.75 -28.27
CA PRO A 101 10.17 2.12 -28.71
C PRO A 101 8.93 3.03 -28.74
N VAL A 102 7.76 2.43 -28.96
CA VAL A 102 6.49 3.13 -28.91
C VAL A 102 6.15 3.55 -27.45
N GLU A 103 6.28 2.60 -26.53
CA GLU A 103 6.22 2.84 -25.09
C GLU A 103 7.09 4.00 -24.66
N ASP A 104 8.38 3.91 -24.95
CA ASP A 104 9.32 4.94 -24.55
C ASP A 104 8.85 6.27 -25.09
N ALA A 105 8.39 6.25 -26.34
CA ALA A 105 7.84 7.44 -26.99
C ALA A 105 6.62 7.96 -26.24
N MET A 106 5.73 7.05 -25.84
CA MET A 106 4.52 7.44 -25.08
C MET A 106 4.83 8.01 -23.70
N PHE A 107 5.79 7.39 -22.99
CA PHE A 107 6.23 7.89 -21.69
C PHE A 107 6.93 9.19 -21.79
N ARG A 108 7.80 9.36 -22.79
CA ARG A 108 8.46 10.66 -23.01
C ARG A 108 7.43 11.74 -23.30
N TRP A 109 6.41 11.38 -24.06
CA TRP A 109 5.39 12.32 -24.41
C TRP A 109 4.57 12.77 -23.19
N TYR A 110 4.17 11.78 -22.41
CA TYR A 110 3.46 12.00 -21.19
C TYR A 110 4.26 12.92 -20.30
N ALA A 111 5.55 12.63 -20.16
CA ALA A 111 6.44 13.37 -19.31
C ALA A 111 6.64 14.81 -19.75
N ALA A 112 6.54 15.01 -21.07
CA ALA A 112 6.83 16.30 -21.71
C ALA A 112 5.62 17.24 -21.78
N HIS A 113 4.43 16.73 -21.42
CA HIS A 113 3.21 17.54 -21.49
C HIS A 113 2.48 17.58 -20.14
N PRO A 114 3.23 17.95 -19.06
CA PRO A 114 2.52 18.08 -17.78
C PRO A 114 1.51 19.21 -17.94
N PRO A 115 0.38 19.14 -17.23
CA PRO A 115 -0.57 20.24 -17.28
C PRO A 115 -0.03 21.41 -16.46
N LYS A 116 -0.41 22.62 -16.80
CA LYS A 116 0.02 23.79 -15.98
C LYS A 116 -0.14 23.55 -14.48
N GLN A 117 -1.27 22.98 -14.09
CA GLN A 117 -1.57 22.74 -12.68
C GLN A 117 -0.48 21.93 -11.99
N LEU A 118 0.07 20.91 -12.67
CA LEU A 118 1.19 20.13 -12.11
C LEU A 118 2.37 21.03 -11.90
N LEU A 119 2.70 21.79 -12.93
CA LEU A 119 3.84 22.68 -12.90
C LEU A 119 3.71 23.69 -11.78
N ASP A 120 2.52 24.25 -11.62
CA ASP A 120 2.27 25.22 -10.55
C ASP A 120 2.42 24.61 -9.17
N TRP A 121 1.79 23.45 -8.98
CA TRP A 121 1.91 22.76 -7.71
C TRP A 121 3.35 22.39 -7.40
N MET A 122 4.10 21.88 -8.38
CA MET A 122 5.52 21.67 -8.19
C MET A 122 6.27 22.88 -7.72
N ARG A 123 6.05 24.02 -8.38
CA ARG A 123 6.67 25.28 -8.00
C ARG A 123 6.36 25.66 -6.55
N GLU A 124 5.13 25.41 -6.12
CA GLU A 124 4.65 25.80 -4.81
C GLU A 124 5.12 24.90 -3.67
N SER A 125 5.56 23.70 -4.00
CA SER A 125 5.89 22.69 -2.99
C SER A 125 7.22 22.89 -2.30
N ASP A 126 7.29 22.55 -1.02
CA ASP A 126 8.55 22.39 -0.36
C ASP A 126 8.97 20.96 -0.48
N VAL A 127 8.00 20.05 -0.54
CA VAL A 127 8.28 18.62 -0.59
C VAL A 127 7.41 18.02 -1.67
N ILE A 128 8.03 17.23 -2.54
CA ILE A 128 7.26 16.48 -3.52
C ILE A 128 7.51 15.02 -3.25
N VAL A 129 6.42 14.28 -3.06
CA VAL A 129 6.45 12.87 -2.80
C VAL A 129 5.99 12.17 -4.06
N PHE A 130 6.83 11.26 -4.55
CA PHE A 130 6.49 10.44 -5.70
C PHE A 130 6.26 9.07 -5.17
N GLU A 131 5.06 8.54 -5.39
CA GLU A 131 4.82 7.15 -5.08
C GLU A 131 5.44 6.31 -6.17
N SER A 132 5.94 5.14 -5.77
CA SER A 132 6.44 4.19 -6.78
C SER A 132 5.45 3.99 -7.93
N GLY A 133 5.95 4.03 -9.15
CA GLY A 133 5.12 3.79 -10.33
C GLY A 133 5.33 4.97 -11.28
N ILE A 134 4.25 5.38 -11.92
CA ILE A 134 4.23 6.34 -13.01
C ILE A 134 4.82 7.69 -12.60
N ALA A 135 4.61 8.05 -11.34
CA ALA A 135 5.24 9.22 -10.72
C ALA A 135 6.74 9.37 -11.01
N VAL A 136 7.47 8.26 -11.15
CA VAL A 136 8.88 8.25 -11.55
C VAL A 136 9.17 9.16 -12.78
N ALA A 137 8.21 9.18 -13.72
CA ALA A 137 8.33 9.92 -14.98
C ALA A 137 8.36 11.42 -14.75
N PHE A 138 8.10 11.86 -13.52
CA PHE A 138 7.96 13.31 -13.22
C PHE A 138 9.00 13.84 -12.26
N ILE A 139 9.89 12.95 -11.84
CA ILE A 139 11.01 13.33 -10.96
C ILE A 139 11.96 14.35 -11.61
N GLU A 140 12.41 14.10 -12.83
CA GLU A 140 13.30 15.06 -13.51
C GLU A 140 12.60 16.44 -13.63
N LEU A 141 11.37 16.44 -14.17
CA LEU A 141 10.48 17.62 -14.22
C LEU A 141 10.49 18.38 -12.88
N ALA A 142 10.15 17.70 -11.78
CA ALA A 142 10.15 18.29 -10.44
C ALA A 142 11.49 19.00 -10.17
N LYS A 143 12.59 18.33 -10.47
CA LYS A 143 13.90 18.95 -10.24
C LYS A 143 14.13 20.23 -11.09
N ARG A 144 13.60 20.25 -12.34
CA ARG A 144 13.71 21.44 -13.19
C ARG A 144 12.79 22.57 -12.70
N VAL A 145 11.60 22.20 -12.23
CA VAL A 145 10.62 23.21 -11.82
C VAL A 145 10.97 23.77 -10.47
N ASN A 146 11.49 22.92 -9.62
CA ASN A 146 11.75 23.33 -8.25
C ASN A 146 12.89 22.54 -7.66
N PRO A 147 14.15 22.94 -7.97
CA PRO A 147 15.38 22.32 -7.47
C PRO A 147 15.52 22.37 -5.94
N ALA A 148 14.91 23.36 -5.32
CA ALA A 148 14.82 23.49 -3.86
C ALA A 148 13.85 22.52 -3.17
N ALA A 149 12.87 22.00 -3.91
CA ALA A 149 11.94 21.09 -3.32
C ALA A 149 12.66 19.79 -2.90
N LYS A 150 12.34 19.33 -1.69
CA LYS A 150 12.84 18.01 -1.30
C LYS A 150 12.06 16.92 -2.03
N LEU A 151 12.79 16.05 -2.72
CA LEU A 151 12.17 14.99 -3.52
C LEU A 151 12.18 13.67 -2.77
N VAL A 152 10.98 13.26 -2.34
CA VAL A 152 10.79 12.03 -1.60
C VAL A 152 10.09 10.98 -2.49
N TYR A 153 10.76 9.86 -2.70
CA TYR A 153 10.16 8.74 -3.37
C TYR A 153 9.72 7.74 -2.33
N ARG A 154 8.43 7.43 -2.34
CA ARG A 154 7.86 6.48 -1.40
C ARG A 154 7.67 5.16 -2.15
N ALA A 155 8.53 4.17 -1.87
CA ALA A 155 8.42 2.88 -2.56
C ALA A 155 7.40 2.02 -1.85
N SER A 156 6.15 2.18 -2.27
CA SER A 156 5.02 1.42 -1.77
C SER A 156 5.11 0.06 -2.37
N ALA A 157 5.72 -0.02 -3.56
CA ALA A 157 5.89 -1.30 -4.28
C ALA A 157 7.20 -1.26 -5.05
N GLY A 158 7.78 -2.44 -5.31
CA GLY A 158 8.90 -2.52 -6.25
C GLY A 158 8.41 -2.23 -7.68
N LEU A 159 9.23 -1.52 -8.47
CA LEU A 159 8.88 -1.23 -9.86
C LEU A 159 8.56 -2.49 -10.66
N SER A 160 9.41 -3.52 -10.50
CA SER A 160 9.19 -4.81 -11.16
C SER A 160 7.93 -5.51 -10.74
N THR A 161 7.46 -5.30 -9.50
CA THR A 161 6.22 -5.97 -9.06
C THR A 161 5.02 -5.36 -9.75
N ILE A 162 4.97 -4.02 -9.79
CA ILE A 162 3.98 -3.24 -10.48
C ILE A 162 4.06 -3.63 -11.95
N ASN A 163 5.25 -4.04 -12.39
CA ASN A 163 5.52 -4.39 -13.78
C ASN A 163 5.44 -3.16 -14.71
N VAL A 164 6.03 -2.08 -14.23
CA VAL A 164 6.08 -0.86 -15.01
C VAL A 164 6.82 -1.18 -16.29
N ALA A 165 6.59 -0.33 -17.29
CA ALA A 165 7.31 -0.36 -18.52
C ALA A 165 8.79 -0.12 -18.26
N SER A 166 9.59 -0.78 -19.09
CA SER A 166 11.03 -0.64 -19.12
C SER A 166 11.50 0.83 -18.95
N TYR A 167 10.80 1.77 -19.59
CA TYR A 167 11.06 3.22 -19.46
C TYR A 167 11.09 3.71 -18.00
N ILE A 168 10.10 3.27 -17.22
CA ILE A 168 9.97 3.71 -15.81
C ILE A 168 11.13 3.16 -14.99
N GLU A 169 11.53 1.92 -15.25
CA GLU A 169 12.67 1.32 -14.55
C GLU A 169 13.97 2.07 -14.79
N ARG A 170 14.25 2.32 -16.07
CA ARG A 170 15.45 3.01 -16.50
C ARG A 170 15.50 4.42 -15.98
N GLU A 171 14.36 5.09 -16.05
CA GLU A 171 14.24 6.47 -15.63
C GLU A 171 14.47 6.53 -14.14
N PHE A 172 13.94 5.54 -13.41
CA PHE A 172 14.13 5.48 -11.98
C PHE A 172 15.60 5.25 -11.66
N ASP A 173 16.22 4.26 -12.31
CA ASP A 173 17.67 4.02 -12.13
C ASP A 173 18.44 5.28 -12.41
N ARG A 174 18.07 5.92 -13.51
CA ARG A 174 18.66 7.21 -13.89
C ARG A 174 18.57 8.28 -12.82
N VAL A 175 17.38 8.52 -12.28
CA VAL A 175 17.17 9.67 -11.39
C VAL A 175 17.36 9.31 -9.91
N ALA A 176 17.32 8.01 -9.60
CA ALA A 176 17.26 7.58 -8.22
C ALA A 176 18.32 8.28 -7.35
N PRO A 177 19.61 8.32 -7.81
CA PRO A 177 20.62 8.95 -6.92
C PRO A 177 20.37 10.44 -6.61
N THR A 178 19.54 11.11 -7.41
CA THR A 178 19.36 12.54 -7.26
C THR A 178 18.18 12.88 -6.35
N LEU A 179 17.37 11.87 -6.05
CA LEU A 179 16.29 12.01 -5.07
C LEU A 179 16.85 12.37 -3.71
N ASP A 180 16.15 13.18 -2.94
CA ASP A 180 16.65 13.43 -1.57
C ASP A 180 16.39 12.24 -0.69
N VAL A 181 15.26 11.59 -0.88
CA VAL A 181 14.87 10.48 -0.05
C VAL A 181 14.28 9.43 -0.96
N ILE A 182 14.74 8.20 -0.77
CA ILE A 182 14.05 7.02 -1.22
C ILE A 182 13.64 6.27 0.04
N ALA A 183 12.33 6.31 0.33
CA ALA A 183 11.78 5.72 1.56
C ALA A 183 11.16 4.42 1.18
N LEU A 184 11.84 3.32 1.49
CA LEU A 184 11.37 1.99 1.07
C LEU A 184 10.46 1.45 2.13
N VAL A 185 9.29 0.94 1.73
CA VAL A 185 8.44 0.29 2.70
C VAL A 185 9.16 -0.93 3.36
N SER A 186 9.97 -1.64 2.57
CA SER A 186 10.68 -2.82 3.03
C SER A 186 12.15 -2.76 2.62
N PRO A 187 13.06 -3.14 3.54
CA PRO A 187 14.48 -3.26 3.11
C PRO A 187 14.64 -4.22 1.95
N ALA A 188 13.71 -5.18 1.81
CA ALA A 188 13.73 -6.14 0.71
C ALA A 188 13.57 -5.47 -0.66
N MET A 189 13.17 -4.19 -0.66
CA MET A 189 13.04 -3.43 -1.88
C MET A 189 14.38 -2.90 -2.37
N ALA A 190 15.35 -2.85 -1.47
CA ALA A 190 16.61 -2.18 -1.79
C ALA A 190 17.47 -2.79 -2.95
N ALA A 191 17.37 -4.11 -3.16
CA ALA A 191 18.17 -4.81 -4.16
C ALA A 191 17.95 -4.25 -5.56
N GLU A 192 16.74 -3.78 -5.84
CA GLU A 192 16.35 -3.34 -7.17
C GLU A 192 16.36 -1.82 -7.26
N VAL A 193 16.85 -1.17 -6.21
CA VAL A 193 17.04 0.28 -6.20
C VAL A 193 18.53 0.67 -6.41
N VAL A 194 18.80 1.30 -7.53
CA VAL A 194 20.14 1.64 -7.98
C VAL A 194 20.63 2.96 -7.35
N SER A 195 20.73 2.94 -6.03
CA SER A 195 21.21 4.09 -5.30
C SER A 195 21.41 3.55 -3.86
N ARG A 196 22.08 4.37 -3.04
CA ARG A 196 22.57 3.93 -1.78
C ARG A 196 22.45 5.02 -0.73
N ASP A 197 23.10 6.14 -0.94
CA ASP A 197 23.21 7.16 0.10
C ASP A 197 21.89 7.77 0.53
N ASN A 198 20.89 7.62 -0.34
CA ASN A 198 19.60 8.28 -0.10
C ASN A 198 18.46 7.27 0.07
N VAL A 199 18.83 5.99 0.32
CA VAL A 199 17.90 4.89 0.50
C VAL A 199 17.71 4.51 1.97
N PHE A 200 16.45 4.60 2.42
CA PHE A 200 16.07 4.47 3.82
C PHE A 200 14.92 3.54 3.90
N HIS A 201 14.75 2.94 5.08
CA HIS A 201 13.67 2.01 5.32
C HIS A 201 12.68 2.67 6.25
N VAL A 202 11.46 2.84 5.77
CA VAL A 202 10.39 3.42 6.57
C VAL A 202 9.14 2.61 6.17
N GLY A 203 8.75 1.70 7.05
CA GLY A 203 7.62 0.85 6.78
C GLY A 203 6.32 1.61 6.97
N HIS A 204 5.20 0.92 6.76
CA HIS A 204 3.92 1.55 6.96
C HIS A 204 3.70 1.88 8.42
N GLY A 205 2.94 2.95 8.65
CA GLY A 205 2.48 3.27 9.99
C GLY A 205 1.15 2.59 10.23
N VAL A 206 0.65 2.81 11.45
CA VAL A 206 -0.67 2.47 11.86
C VAL A 206 -1.31 3.70 12.44
N ASP A 207 -2.62 3.68 12.44
CA ASP A 207 -3.40 4.70 13.02
C ASP A 207 -3.06 4.87 14.52
N HIS A 208 -2.86 6.09 14.96
CA HIS A 208 -2.39 6.36 16.33
C HIS A 208 -3.44 5.93 17.35
N ASN A 209 -4.68 5.75 16.91
CA ASN A 209 -5.65 5.28 17.86
C ASN A 209 -6.29 3.91 17.56
N LEU A 210 -5.48 3.02 16.99
CA LEU A 210 -5.93 1.67 16.70
C LEU A 210 -6.57 0.98 17.93
N ASP A 211 -5.87 1.01 19.06
CA ASP A 211 -6.45 0.47 20.29
C ASP A 211 -7.76 1.06 20.80
N GLN A 212 -7.98 2.36 20.59
CA GLN A 212 -9.29 2.98 20.88
C GLN A 212 -10.38 2.54 19.91
N LEU A 213 -10.04 2.24 18.65
CA LEU A 213 -11.05 1.92 17.62
C LEU A 213 -11.42 0.48 17.81
N GLY A 214 -10.44 -0.22 18.34
CA GLY A 214 -10.49 -1.64 18.64
C GLY A 214 -11.75 -2.13 19.27
N ASP A 215 -12.60 -1.23 19.81
CA ASP A 215 -13.79 -1.80 20.40
C ASP A 215 -14.75 -1.08 21.27
N PRO A 216 -16.04 -1.28 20.99
CA PRO A 216 -16.64 -2.46 21.65
C PRO A 216 -16.39 -3.66 20.66
N SER A 217 -16.62 -4.91 21.08
CA SER A 217 -16.40 -6.05 20.16
C SER A 217 -17.62 -6.26 19.27
N PRO A 218 -17.42 -6.54 17.96
CA PRO A 218 -18.58 -6.81 17.09
C PRO A 218 -19.08 -8.26 17.18
N TYR A 219 -18.38 -9.09 17.95
CA TYR A 219 -18.60 -10.52 17.95
C TYR A 219 -19.24 -11.01 19.24
N ALA A 220 -20.16 -11.97 19.10
CA ALA A 220 -20.70 -12.67 20.25
C ALA A 220 -19.75 -13.79 20.61
N GLU A 221 -20.17 -14.69 21.49
CA GLU A 221 -19.36 -15.84 21.87
C GLU A 221 -18.91 -16.70 20.67
N GLY A 222 -17.84 -17.47 20.90
CA GLY A 222 -17.32 -18.40 19.93
C GLY A 222 -16.03 -17.94 19.31
N ILE A 223 -15.57 -18.69 18.32
CA ILE A 223 -14.30 -18.42 17.68
C ILE A 223 -14.51 -17.69 16.36
N HIS A 224 -13.82 -16.57 16.23
CA HIS A 224 -14.01 -15.65 15.10
C HIS A 224 -12.68 -15.43 14.42
N ALA A 225 -12.69 -15.61 13.11
CA ALA A 225 -11.51 -15.27 12.32
C ALA A 225 -11.94 -14.19 11.36
N VAL A 226 -11.00 -13.36 10.96
CA VAL A 226 -11.29 -12.22 10.16
C VAL A 226 -10.34 -12.18 8.98
N ALA A 227 -10.84 -11.66 7.85
CA ALA A 227 -10.02 -11.36 6.74
C ALA A 227 -10.54 -10.03 6.25
N VAL A 228 -9.62 -9.15 5.89
CA VAL A 228 -9.98 -7.83 5.41
C VAL A 228 -9.23 -7.53 4.12
N GLY A 229 -9.93 -6.96 3.15
CA GLY A 229 -9.23 -6.51 1.93
C GLY A 229 -9.45 -7.41 0.74
N SER A 230 -9.31 -6.83 -0.44
CA SER A 230 -9.52 -7.56 -1.67
C SER A 230 -8.27 -8.02 -2.40
N MET A 231 -7.09 -7.60 -1.92
CA MET A 231 -5.81 -7.95 -2.57
C MET A 231 -5.72 -9.46 -2.84
N LEU A 232 -5.76 -9.83 -4.11
CA LEU A 232 -5.51 -11.21 -4.49
C LEU A 232 -6.48 -12.17 -3.79
N PHE A 233 -7.70 -11.67 -3.53
CA PHE A 233 -8.59 -12.34 -2.60
C PHE A 233 -8.88 -13.78 -3.07
N ASP A 234 -8.71 -14.74 -2.16
CA ASP A 234 -8.87 -16.14 -2.51
C ASP A 234 -10.06 -16.76 -1.79
N PRO A 235 -11.21 -16.88 -2.49
CA PRO A 235 -12.38 -17.43 -1.87
C PRO A 235 -12.17 -18.90 -1.50
N GLU A 236 -11.28 -19.57 -2.23
CA GLU A 236 -11.09 -20.98 -2.05
C GLU A 236 -10.55 -21.28 -0.69
N PHE A 237 -9.90 -20.28 -0.10
CA PHE A 237 -9.37 -20.40 1.22
C PHE A 237 -10.53 -20.67 2.16
N PHE A 238 -11.58 -19.86 1.99
CA PHE A 238 -12.76 -19.88 2.84
C PHE A 238 -13.68 -21.05 2.61
N VAL A 239 -13.85 -21.40 1.35
CA VAL A 239 -14.47 -22.68 0.97
C VAL A 239 -13.90 -23.84 1.81
N VAL A 240 -12.57 -23.97 1.89
CA VAL A 240 -11.91 -25.06 2.61
C VAL A 240 -11.99 -24.85 4.12
N ALA A 241 -11.64 -23.64 4.53
CA ALA A 241 -11.52 -23.34 5.96
C ALA A 241 -12.86 -23.46 6.64
N SER A 242 -13.91 -22.93 6.01
CA SER A 242 -15.24 -22.94 6.64
C SER A 242 -15.74 -24.35 6.84
N LYS A 243 -15.59 -25.17 5.81
CA LYS A 243 -15.92 -26.58 5.96
C LYS A 243 -15.11 -27.28 7.07
N ALA A 244 -13.80 -26.98 7.15
CA ALA A 244 -12.90 -27.71 8.05
C ALA A 244 -13.01 -27.20 9.47
N PHE A 245 -13.54 -26.00 9.64
CA PHE A 245 -13.66 -25.44 10.96
C PHE A 245 -15.07 -24.94 11.20
N PRO A 246 -16.08 -25.86 11.27
CA PRO A 246 -17.46 -25.43 11.38
C PRO A 246 -17.71 -24.62 12.64
N GLN A 247 -16.80 -24.71 13.60
CA GLN A 247 -16.92 -24.01 14.87
C GLN A 247 -16.34 -22.58 14.82
N VAL A 248 -15.52 -22.31 13.81
CA VAL A 248 -15.00 -20.97 13.59
C VAL A 248 -15.96 -20.25 12.64
N THR A 249 -16.30 -19.02 13.02
CA THR A 249 -16.99 -18.07 12.17
C THR A 249 -15.96 -17.18 11.49
N PHE A 250 -16.05 -17.10 10.16
CA PHE A 250 -15.12 -16.42 9.33
C PHE A 250 -15.78 -15.16 8.83
N HIS A 251 -15.22 -14.02 9.23
CA HIS A 251 -15.72 -12.71 8.87
C HIS A 251 -14.91 -12.19 7.74
N VAL A 252 -15.53 -12.10 6.57
CA VAL A 252 -14.81 -11.79 5.35
C VAL A 252 -15.25 -10.40 4.96
N ILE A 253 -14.36 -9.45 5.16
CA ILE A 253 -14.64 -8.03 4.97
C ILE A 253 -13.89 -7.44 3.79
N GLY A 254 -14.64 -6.75 2.94
CA GLY A 254 -14.04 -6.00 1.84
C GLY A 254 -13.33 -6.93 0.89
N SER A 255 -13.85 -8.15 0.68
CA SER A 255 -13.16 -9.13 -0.20
C SER A 255 -13.16 -8.73 -1.67
N GLY A 256 -14.00 -7.74 -2.02
CA GLY A 256 -14.23 -7.32 -3.41
C GLY A 256 -15.16 -8.27 -4.12
N MET A 257 -15.80 -9.12 -3.34
CA MET A 257 -16.47 -10.27 -3.87
C MET A 257 -17.67 -10.48 -2.99
N GLY A 258 -18.68 -11.19 -3.50
CA GLY A 258 -19.86 -11.57 -2.69
C GLY A 258 -19.70 -12.87 -1.92
N ARG A 259 -20.83 -13.51 -1.65
CA ARG A 259 -20.86 -14.81 -0.98
C ARG A 259 -20.59 -15.97 -1.98
N HIS A 260 -19.31 -16.36 -2.07
CA HIS A 260 -18.95 -17.50 -2.88
C HIS A 260 -19.86 -18.68 -2.49
N PRO A 261 -20.42 -19.40 -3.50
CA PRO A 261 -21.35 -20.49 -3.19
C PRO A 261 -20.72 -21.63 -2.38
N GLY A 262 -19.39 -21.67 -2.34
CA GLY A 262 -18.65 -22.67 -1.59
C GLY A 262 -18.58 -22.37 -0.10
N TYR A 263 -18.79 -21.12 0.27
CA TYR A 263 -18.69 -20.77 1.69
C TYR A 263 -19.67 -21.56 2.49
N GLY A 264 -19.19 -22.17 3.58
CA GLY A 264 -20.10 -22.67 4.59
C GLY A 264 -20.89 -21.54 5.29
N ASP A 265 -21.90 -21.93 6.06
CA ASP A 265 -22.81 -21.00 6.71
C ASP A 265 -22.11 -20.26 7.80
N ASN A 266 -20.95 -20.79 8.19
CA ASN A 266 -20.08 -20.15 9.17
C ASN A 266 -19.21 -19.02 8.59
N VAL A 267 -19.42 -18.68 7.32
CA VAL A 267 -18.81 -17.49 6.74
C VAL A 267 -19.84 -16.36 6.66
N ILE A 268 -19.46 -15.23 7.24
CA ILE A 268 -20.22 -13.98 7.08
C ILE A 268 -19.45 -13.11 6.13
N VAL A 269 -20.10 -12.70 5.08
CA VAL A 269 -19.50 -11.83 4.07
C VAL A 269 -20.03 -10.42 4.27
N TYR A 270 -19.11 -9.47 4.37
CA TYR A 270 -19.43 -8.05 4.55
C TYR A 270 -19.10 -7.29 3.31
N GLY A 271 -19.78 -6.19 3.08
CA GLY A 271 -19.35 -5.26 2.05
C GLY A 271 -18.05 -4.60 2.51
N GLU A 272 -17.64 -3.59 1.78
CA GLU A 272 -16.55 -2.74 2.15
C GLU A 272 -16.85 -2.00 3.44
N MET A 273 -15.94 -2.06 4.38
CA MET A 273 -16.11 -1.39 5.66
C MET A 273 -15.09 -0.29 5.73
N LYS A 274 -15.43 0.81 6.38
CA LYS A 274 -14.42 1.82 6.59
C LYS A 274 -13.34 1.31 7.58
N HIS A 275 -12.09 1.71 7.34
CA HIS A 275 -10.96 1.30 8.15
C HIS A 275 -11.31 1.30 9.65
N ALA A 276 -11.86 2.38 10.16
CA ALA A 276 -12.18 2.47 11.57
C ALA A 276 -13.10 1.33 12.03
N GLN A 277 -14.05 0.93 11.19
CA GLN A 277 -15.04 -0.05 11.60
C GLN A 277 -14.44 -1.46 11.51
N THR A 278 -13.47 -1.65 10.63
CA THR A 278 -12.76 -2.91 10.56
C THR A 278 -12.03 -3.27 11.84
N ILE A 279 -11.62 -2.27 12.58
CA ILE A 279 -10.66 -2.48 13.66
C ILE A 279 -11.17 -3.44 14.74
N GLY A 280 -12.46 -3.35 15.08
CA GLY A 280 -13.06 -4.21 16.09
C GLY A 280 -13.05 -5.65 15.62
N TYR A 281 -13.32 -5.83 14.33
CA TYR A 281 -13.30 -7.17 13.75
C TYR A 281 -11.90 -7.78 13.77
N ILE A 282 -10.89 -6.93 13.66
CA ILE A 282 -9.50 -7.35 13.78
C ILE A 282 -9.08 -7.57 15.23
N LYS A 283 -9.21 -6.58 16.14
CA LYS A 283 -8.73 -6.73 17.54
C LYS A 283 -9.32 -7.95 18.28
N HIS A 284 -10.60 -8.25 18.03
CA HIS A 284 -11.35 -9.20 18.79
C HIS A 284 -11.47 -10.54 18.12
N ALA A 285 -10.88 -10.70 16.95
CA ALA A 285 -10.77 -12.02 16.29
C ALA A 285 -9.82 -12.93 17.05
N ARG A 286 -9.97 -14.24 16.87
CA ARG A 286 -8.97 -15.15 17.36
C ARG A 286 -7.77 -15.22 16.45
N PHE A 287 -7.99 -15.20 15.16
CA PHE A 287 -6.84 -15.11 14.26
C PHE A 287 -7.28 -14.35 13.00
N GLY A 288 -6.32 -13.80 12.27
CA GLY A 288 -6.64 -13.15 11.00
C GLY A 288 -6.08 -13.94 9.83
N ILE A 289 -6.49 -13.52 8.64
CA ILE A 289 -6.21 -14.24 7.44
C ILE A 289 -5.87 -13.26 6.33
N ALA A 290 -4.76 -13.52 5.64
CA ALA A 290 -4.41 -12.78 4.46
C ALA A 290 -4.53 -13.77 3.32
N PRO A 291 -5.71 -13.87 2.69
CA PRO A 291 -5.97 -15.01 1.80
C PRO A 291 -5.57 -14.67 0.37
N TYR A 292 -4.27 -14.57 0.14
CA TYR A 292 -3.74 -14.24 -1.18
C TYR A 292 -3.78 -15.47 -2.06
N ALA A 293 -4.33 -15.34 -3.26
CA ALA A 293 -4.60 -16.53 -4.08
C ALA A 293 -3.33 -17.03 -4.75
N SER A 294 -2.29 -16.21 -4.74
CA SER A 294 -1.06 -16.55 -5.43
C SER A 294 0.14 -16.26 -4.54
N GLU A 295 1.21 -17.01 -4.74
CA GLU A 295 2.47 -16.80 -4.04
C GLU A 295 3.45 -16.14 -5.02
N GLN A 296 2.99 -15.90 -6.25
CA GLN A 296 3.73 -15.05 -7.17
C GLN A 296 3.71 -13.58 -6.68
N VAL A 297 4.32 -13.38 -5.51
CA VAL A 297 4.26 -12.10 -4.82
C VAL A 297 5.67 -11.68 -4.45
N PRO A 298 5.95 -10.36 -4.31
CA PRO A 298 7.35 -10.01 -3.96
C PRO A 298 7.70 -10.51 -2.56
N VAL A 299 8.99 -10.72 -2.29
CA VAL A 299 9.44 -11.05 -0.93
C VAL A 299 9.08 -9.92 0.07
N TYR A 300 9.01 -8.67 -0.40
CA TYR A 300 8.71 -7.57 0.50
C TYR A 300 7.24 -7.52 0.99
N LEU A 301 6.32 -8.23 0.33
CA LEU A 301 4.91 -8.18 0.68
C LEU A 301 4.66 -8.58 2.15
N ALA A 302 5.54 -9.40 2.71
CA ALA A 302 5.44 -9.76 4.12
C ALA A 302 5.50 -8.53 5.02
N ASP A 303 6.32 -7.56 4.62
CA ASP A 303 6.50 -6.26 5.30
C ASP A 303 5.51 -5.21 4.85
N SER A 304 5.14 -5.28 3.58
CA SER A 304 4.36 -4.20 3.03
C SER A 304 2.86 -4.46 3.12
N SER A 305 2.46 -5.70 3.47
CA SER A 305 1.03 -5.96 3.62
C SER A 305 0.40 -5.13 4.74
N MET A 306 -0.57 -4.32 4.31
CA MET A 306 -1.32 -3.44 5.18
C MET A 306 -2.21 -4.23 6.13
N LYS A 307 -2.92 -5.24 5.63
CA LYS A 307 -3.75 -6.06 6.53
C LYS A 307 -2.93 -6.84 7.54
N LEU A 308 -1.79 -7.34 7.11
CA LEU A 308 -0.93 -8.16 7.98
C LEU A 308 -0.38 -7.30 9.09
N LEU A 309 0.05 -6.09 8.73
CA LEU A 309 0.39 -5.05 9.69
C LEU A 309 -0.71 -4.78 10.72
N GLN A 310 -1.95 -4.61 10.28
CA GLN A 310 -3.07 -4.36 11.18
C GLN A 310 -3.18 -5.51 12.18
N TYR A 311 -3.13 -6.75 11.67
CA TYR A 311 -3.16 -7.95 12.54
C TYR A 311 -2.01 -7.94 13.49
N ASP A 312 -0.80 -7.69 12.96
CA ASP A 312 0.43 -7.59 13.75
C ASP A 312 0.42 -6.57 14.87
N PHE A 313 -0.27 -5.45 14.65
CA PHE A 313 -0.33 -4.40 15.64
C PHE A 313 -0.93 -4.98 16.93
N PHE A 314 -1.93 -5.86 16.76
CA PHE A 314 -2.67 -6.45 17.88
C PHE A 314 -2.06 -7.78 18.36
N GLY A 315 -1.06 -8.30 17.66
CA GLY A 315 -0.52 -9.58 17.97
C GLY A 315 -1.43 -10.71 17.57
N LEU A 316 -2.43 -10.39 16.73
CA LEU A 316 -3.36 -11.35 16.14
C LEU A 316 -2.59 -12.35 15.25
N PRO A 317 -2.57 -13.65 15.64
CA PRO A 317 -1.97 -14.68 14.79
C PRO A 317 -2.62 -14.63 13.40
N ALA A 318 -1.84 -14.86 12.37
CA ALA A 318 -2.33 -14.74 11.02
C ALA A 318 -2.08 -16.06 10.30
N VAL A 319 -3.04 -16.44 9.47
CA VAL A 319 -2.88 -17.45 8.44
C VAL A 319 -2.69 -16.74 7.08
N CYS A 320 -1.60 -17.02 6.39
CA CYS A 320 -1.31 -16.41 5.11
C CYS A 320 -0.45 -17.37 4.28
N PRO A 321 -0.37 -17.17 2.96
CA PRO A 321 0.52 -17.99 2.17
C PRO A 321 1.99 -17.98 2.68
N ASN A 322 2.73 -19.03 2.34
CA ASN A 322 4.10 -19.15 2.84
C ASN A 322 4.93 -17.96 2.37
N ALA A 323 4.67 -17.52 1.15
CA ALA A 323 5.38 -16.42 0.54
C ALA A 323 5.31 -15.08 1.31
N VAL A 324 4.34 -14.92 2.20
CA VAL A 324 4.17 -13.65 2.93
C VAL A 324 4.32 -13.79 4.44
N VAL A 325 4.66 -14.99 4.91
CA VAL A 325 5.04 -15.17 6.31
C VAL A 325 6.26 -14.28 6.58
N GLY A 326 7.28 -14.41 5.73
CA GLY A 326 8.47 -13.61 5.84
C GLY A 326 9.16 -13.82 7.16
N PRO A 327 9.80 -12.77 7.67
CA PRO A 327 10.51 -12.78 8.91
C PRO A 327 9.54 -12.32 10.00
N TYR A 328 8.57 -13.19 10.32
CA TYR A 328 7.52 -12.84 11.27
C TYR A 328 7.05 -14.04 12.06
N LYS A 329 6.90 -13.80 13.37
CA LYS A 329 6.35 -14.77 14.26
C LYS A 329 4.84 -14.70 14.07
N SER A 330 4.10 -15.65 14.61
CA SER A 330 2.64 -15.55 14.58
C SER A 330 1.97 -15.58 13.22
N ARG A 331 2.71 -15.97 12.18
CA ARG A 331 2.19 -16.16 10.83
C ARG A 331 2.34 -17.60 10.41
N PHE A 332 1.20 -18.20 10.06
CA PHE A 332 1.13 -19.61 9.71
C PHE A 332 0.86 -19.80 8.23
N GLY A 333 1.91 -20.22 7.53
CA GLY A 333 1.88 -20.34 6.09
C GLY A 333 1.09 -21.51 5.57
N TYR A 334 0.54 -21.34 4.39
CA TYR A 334 -0.11 -22.40 3.68
C TYR A 334 0.17 -22.19 2.19
N THR A 335 -0.16 -23.21 1.39
CA THR A 335 0.02 -23.08 -0.03
C THR A 335 -1.39 -22.89 -0.54
N PRO A 336 -1.65 -21.74 -1.24
CA PRO A 336 -2.99 -21.55 -1.79
C PRO A 336 -3.34 -22.76 -2.68
N GLY A 337 -4.61 -23.16 -2.72
CA GLY A 337 -5.00 -24.37 -3.44
C GLY A 337 -4.74 -25.67 -2.66
N ASN A 338 -4.04 -25.61 -1.54
CA ASN A 338 -3.70 -26.81 -0.83
C ASN A 338 -4.51 -26.89 0.44
N ALA A 339 -5.61 -27.64 0.38
CA ALA A 339 -6.51 -27.76 1.49
C ALA A 339 -5.81 -28.15 2.77
N ASP A 340 -4.95 -29.18 2.71
CA ASP A 340 -4.29 -29.65 3.93
C ASP A 340 -3.45 -28.60 4.59
N SER A 341 -2.75 -27.80 3.78
CA SER A 341 -1.87 -26.77 4.33
C SER A 341 -2.71 -25.64 4.94
N VAL A 342 -3.85 -25.36 4.32
CA VAL A 342 -4.85 -24.44 4.83
C VAL A 342 -5.31 -24.89 6.22
N ILE A 343 -5.77 -26.13 6.32
CA ILE A 343 -6.18 -26.70 7.59
C ILE A 343 -5.05 -26.64 8.61
N ALA A 344 -3.82 -26.98 8.19
CA ALA A 344 -2.72 -27.14 9.13
C ALA A 344 -2.36 -25.78 9.69
N ALA A 345 -2.41 -24.74 8.85
CA ALA A 345 -2.03 -23.38 9.26
C ALA A 345 -3.06 -22.84 10.23
N ILE A 346 -4.34 -23.05 9.90
CA ILE A 346 -5.41 -22.61 10.77
C ILE A 346 -5.32 -23.28 12.15
N THR A 347 -5.03 -24.58 12.12
CA THR A 347 -4.94 -25.37 13.33
C THR A 347 -3.91 -24.74 14.26
N GLN A 348 -2.76 -24.33 13.71
CA GLN A 348 -1.73 -23.63 14.48
C GLN A 348 -2.09 -22.21 14.87
N ALA A 349 -2.72 -21.46 13.96
CA ALA A 349 -3.14 -20.10 14.26
C ALA A 349 -4.11 -20.11 15.44
N LEU A 350 -4.97 -21.14 15.51
CA LEU A 350 -5.94 -21.29 16.65
C LEU A 350 -5.30 -21.42 18.04
N GLU A 351 -4.10 -21.97 18.06
CA GLU A 351 -3.40 -22.23 19.29
C GLU A 351 -2.25 -21.24 19.53
N ALA A 352 -1.93 -20.38 18.57
CA ALA A 352 -0.88 -19.36 18.74
C ALA A 352 -1.23 -18.33 19.81
N PRO A 353 -0.28 -18.00 20.70
CA PRO A 353 -0.62 -16.90 21.59
C PRO A 353 -0.59 -15.54 20.88
N ARG A 354 -1.40 -14.63 21.40
CA ARG A 354 -1.42 -13.26 20.97
C ARG A 354 -0.31 -12.45 21.65
N VAL A 355 0.69 -12.03 20.85
CA VAL A 355 1.82 -11.23 21.29
C VAL A 355 2.15 -10.14 20.28
N ARG A 356 2.27 -8.92 20.82
CA ARG A 356 2.66 -7.77 19.98
C ARG A 356 4.17 -7.82 19.70
N TYR A 357 4.58 -8.73 18.81
CA TYR A 357 5.97 -8.83 18.33
C TYR A 357 6.45 -7.68 17.45
N ARG A 358 5.59 -7.13 16.63
CA ARG A 358 5.99 -6.13 15.68
C ARG A 358 5.81 -4.73 16.27
N GLN A 359 6.85 -3.96 16.15
CA GLN A 359 6.85 -2.57 16.51
C GLN A 359 6.16 -1.80 15.39
N CYS A 360 5.09 -1.09 15.73
CA CYS A 360 4.32 -0.35 14.74
C CYS A 360 4.24 1.15 15.03
N LEU A 361 5.03 1.95 14.35
CA LEU A 361 4.92 3.38 14.48
C LEU A 361 3.59 3.86 13.94
N ASN A 362 3.07 4.92 14.54
CA ASN A 362 1.85 5.50 14.02
C ASN A 362 2.17 6.32 12.77
N TRP A 363 1.14 6.72 12.03
CA TRP A 363 1.29 7.40 10.74
C TRP A 363 2.02 8.72 10.81
N SER A 364 1.86 9.42 11.93
CA SER A 364 2.54 10.68 12.10
C SER A 364 4.04 10.47 12.27
N ASP A 365 4.42 9.48 13.09
CA ASP A 365 5.83 9.15 13.34
C ASP A 365 6.45 8.58 12.09
N THR A 366 5.61 7.86 11.33
CA THR A 366 6.00 7.33 10.04
C THR A 366 6.29 8.41 9.01
N THR A 367 5.37 9.36 8.92
CA THR A 367 5.48 10.45 7.97
C THR A 367 6.70 11.29 8.31
N ASP A 368 6.99 11.50 9.60
CA ASP A 368 8.24 12.12 10.03
C ASP A 368 9.46 11.45 9.39
N ARG A 369 9.54 10.13 9.38
CA ARG A 369 10.70 9.47 8.78
C ARG A 369 10.64 9.40 7.29
N VAL A 370 9.44 9.32 6.69
CA VAL A 370 9.35 9.40 5.25
C VAL A 370 9.99 10.72 4.78
N LEU A 371 9.66 11.81 5.46
CA LEU A 371 10.10 13.13 5.06
C LEU A 371 11.55 13.42 5.43
N ASP A 372 11.96 13.04 6.65
CA ASP A 372 13.32 13.29 7.13
C ASP A 372 14.01 12.08 7.69
N PRO A 373 14.16 11.03 6.87
CA PRO A 373 14.75 9.80 7.36
C PRO A 373 16.14 10.00 7.98
N ARG A 374 16.92 10.95 7.47
CA ARG A 374 18.27 11.17 8.03
C ARG A 374 18.22 11.68 9.47
N ALA A 375 17.11 12.28 9.88
CA ALA A 375 16.99 12.68 11.28
C ALA A 375 16.73 11.44 12.18
N TYR A 376 16.53 10.27 11.52
CA TYR A 376 16.22 9.00 12.22
C TYR A 376 17.14 7.95 11.67
N PRO A 377 18.39 7.92 12.18
CA PRO A 377 19.44 7.23 11.44
C PRO A 377 19.28 5.73 11.37
N GLU A 378 18.39 5.18 12.21
CA GLU A 378 18.06 3.76 12.15
C GLU A 378 17.37 3.39 10.82
N THR A 379 16.82 4.36 10.10
CA THR A 379 16.19 4.09 8.81
C THR A 379 17.17 3.80 7.67
N ARG A 380 18.43 4.20 7.86
CA ARG A 380 19.45 4.02 6.83
C ARG A 380 19.65 2.58 6.47
N LEU A 381 19.69 2.34 5.17
CA LEU A 381 19.89 1.04 4.61
C LEU A 381 21.34 0.76 4.21
N TYR A 382 22.16 1.82 4.22
CA TYR A 382 23.57 1.80 3.83
C TYR A 382 24.37 2.58 4.86
N PRO A 383 25.72 2.37 4.92
CA PRO A 383 26.60 3.06 5.89
C PRO A 383 26.38 4.59 6.13
N HIS A 384 26.11 4.98 7.39
CA HIS A 384 25.80 6.37 7.84
C HIS A 384 26.96 7.34 7.69
N PRO A 385 26.64 8.63 7.40
CA PRO A 385 27.61 9.76 7.34
C PRO A 385 28.39 9.93 8.67
#